data_1JXM
#
_entry.id   1JXM
#
_cell.length_a   59.724
_cell.length_b   59.724
_cell.length_c   209.956
_cell.angle_alpha   90.00
_cell.angle_beta   90.00
_cell.angle_gamma   90.00
#
_symmetry.space_group_name_H-M   'P 41 21 2'
#
loop_
_entity.id
_entity.type
_entity.pdbx_description
1 polymer 'POSTSYNAPTIC DENSITY PROTEIN'
2 non-polymer "GUANOSINE-5'-MONOPHOSPHATE"
3 non-polymer GUANIDINE
4 non-polymer (4S)-2-METHYL-2,4-PENTANEDIOL
5 water water
#
_entity_poly.entity_id   1
_entity_poly.type   'polypeptide(L)'
_entity_poly.pdbx_seq_one_letter_code
;GSHMASGFYIRALFDYDKTKDCGFLSQALSFRFGDVLHVIDAGDEEWWQARRVHSDSETDDIGFIPSKRRVERREWSRLK
AKDWGSSSGSQGREDSVLSYETVTQMEVHYARPIIILGPTKDRANDDLLSEFPDKFGSCVPHTTRPKREYEIDGRDYHFV
SSREKMEKDIQAHKFIEAGQYNSHLYGTSVQSVREVAEQGKHCILDVSANAVRRLQAAHLHPIAIFIRPRSLENVLEINK
RITEEQARKAFDRATKLEQEFTECFSAIVEGDSFEEIYHKVKRVIEDLSGPYIWVPARERL
;
_entity_poly.pdbx_strand_id   A
#
loop_
_chem_comp.id
_chem_comp.type
_chem_comp.name
_chem_comp.formula
5GP non-polymer GUANOSINE-5'-MONOPHOSPHATE 'C10 H14 N5 O8 P'
GAI non-polymer GUANIDINE 'C H5 N3'
MPD non-polymer (4S)-2-METHYL-2,4-PENTANEDIOL 'C6 H14 O2'
#
# COMPACT_ATOMS: atom_id res chain seq x y z
N GLY A 7 -19.69 -18.07 -8.59
CA GLY A 7 -18.25 -18.46 -8.34
C GLY A 7 -17.66 -17.68 -7.19
N PHE A 8 -16.43 -17.24 -7.33
CA PHE A 8 -15.77 -16.47 -6.28
C PHE A 8 -14.72 -15.55 -6.88
N TYR A 9 -14.14 -14.68 -6.04
CA TYR A 9 -13.15 -13.74 -6.53
C TYR A 9 -11.83 -13.83 -5.81
N ILE A 10 -10.74 -13.60 -6.53
CA ILE A 10 -9.41 -13.64 -5.96
C ILE A 10 -8.60 -12.49 -6.56
N ARG A 11 -7.55 -12.10 -5.85
CA ARG A 11 -6.68 -11.02 -6.32
C ARG A 11 -5.32 -11.63 -6.59
N ALA A 12 -4.76 -11.35 -7.76
CA ALA A 12 -3.45 -11.88 -8.13
C ALA A 12 -2.35 -11.15 -7.39
N LEU A 13 -1.39 -11.91 -6.87
CA LEU A 13 -0.28 -11.35 -6.14
C LEU A 13 1.02 -11.50 -6.93
N PHE A 14 0.88 -11.70 -8.23
CA PHE A 14 2.04 -11.81 -9.12
C PHE A 14 1.59 -11.52 -10.55
N ASP A 15 2.55 -11.35 -11.44
CA ASP A 15 2.28 -11.06 -12.85
C ASP A 15 2.33 -12.38 -13.61
N TYR A 16 1.36 -12.61 -14.51
CA TYR A 16 1.33 -13.85 -15.27
C TYR A 16 1.24 -13.60 -16.77
N CYS A 22 7.56 -19.08 -22.88
CA CYS A 22 8.14 -20.19 -23.61
C CYS A 22 7.69 -20.18 -25.07
N GLY A 23 6.74 -19.30 -25.38
CA GLY A 23 6.23 -19.20 -26.74
C GLY A 23 5.02 -20.10 -26.98
N PHE A 24 4.50 -20.70 -25.92
CA PHE A 24 3.34 -21.58 -26.03
C PHE A 24 2.03 -20.80 -25.97
N LEU A 25 1.17 -21.01 -26.98
CA LEU A 25 -0.13 -20.36 -27.04
C LEU A 25 -1.20 -21.26 -26.44
N SER A 26 -2.14 -20.66 -25.73
CA SER A 26 -3.22 -21.40 -25.09
C SER A 26 -4.29 -20.42 -24.61
N GLN A 27 -5.37 -20.95 -24.05
CA GLN A 27 -6.44 -20.10 -23.54
C GLN A 27 -6.11 -19.57 -22.14
N ALA A 28 -4.83 -19.51 -21.82
CA ALA A 28 -4.39 -19.02 -20.52
C ALA A 28 -4.62 -17.52 -20.44
N LEU A 29 -5.20 -17.07 -19.34
CA LEU A 29 -5.47 -15.65 -19.12
C LEU A 29 -4.24 -14.95 -18.54
N SER A 30 -3.89 -13.80 -19.09
CA SER A 30 -2.75 -13.04 -18.58
C SER A 30 -3.30 -12.03 -17.58
N PHE A 31 -2.53 -11.74 -16.53
CA PHE A 31 -2.95 -10.77 -15.53
C PHE A 31 -1.75 -10.14 -14.85
N ARG A 32 -1.99 -9.09 -14.09
CA ARG A 32 -0.91 -8.39 -13.41
C ARG A 32 -1.18 -8.35 -11.92
N PHE A 33 -0.16 -8.03 -11.14
CA PHE A 33 -0.31 -7.93 -9.70
C PHE A 33 -1.47 -7.00 -9.40
N GLY A 34 -2.34 -7.41 -8.49
CA GLY A 34 -3.46 -6.57 -8.11
C GLY A 34 -4.76 -6.78 -8.87
N ASP A 35 -4.71 -7.44 -10.02
CA ASP A 35 -5.95 -7.67 -10.76
C ASP A 35 -6.88 -8.55 -9.96
N VAL A 36 -8.16 -8.21 -9.97
CA VAL A 36 -9.15 -9.02 -9.27
C VAL A 36 -9.72 -9.92 -10.36
N LEU A 37 -9.80 -11.22 -10.05
CA LEU A 37 -10.29 -12.19 -11.02
C LEU A 37 -11.55 -12.89 -10.56
N HIS A 38 -12.50 -13.05 -11.48
CA HIS A 38 -13.73 -13.74 -11.14
C HIS A 38 -13.51 -15.19 -11.54
N VAL A 39 -13.41 -16.08 -10.55
CA VAL A 39 -13.20 -17.50 -10.83
C VAL A 39 -14.53 -18.16 -11.13
N ILE A 40 -14.68 -18.66 -12.35
CA ILE A 40 -15.91 -19.30 -12.78
C ILE A 40 -15.95 -20.80 -12.48
N ASP A 41 -14.83 -21.47 -12.67
CA ASP A 41 -14.75 -22.90 -12.40
C ASP A 41 -13.40 -23.25 -11.80
N ALA A 42 -13.41 -23.67 -10.54
CA ALA A 42 -12.18 -24.05 -9.85
C ALA A 42 -12.22 -25.52 -9.44
N GLY A 43 -12.95 -26.32 -10.21
CA GLY A 43 -13.05 -27.75 -9.91
C GLY A 43 -11.74 -28.49 -10.15
N ASP A 44 -10.98 -28.06 -11.14
CA ASP A 44 -9.70 -28.71 -11.45
C ASP A 44 -8.61 -28.24 -10.49
N GLU A 45 -7.65 -29.11 -10.21
CA GLU A 45 -6.58 -28.78 -9.28
C GLU A 45 -5.43 -28.01 -9.89
N GLU A 46 -5.37 -27.97 -11.21
CA GLU A 46 -4.27 -27.30 -11.89
C GLU A 46 -4.62 -26.01 -12.60
N TRP A 47 -5.80 -25.95 -13.23
CA TRP A 47 -6.22 -24.77 -13.97
C TRP A 47 -7.63 -24.38 -13.66
N TRP A 48 -7.84 -23.11 -13.36
CA TRP A 48 -9.15 -22.60 -13.05
C TRP A 48 -9.63 -21.68 -14.19
N GLN A 49 -10.94 -21.64 -14.39
CA GLN A 49 -11.51 -20.80 -15.43
C GLN A 49 -11.84 -19.46 -14.79
N ALA A 50 -11.41 -18.36 -15.40
CA ALA A 50 -11.67 -17.05 -14.82
C ALA A 50 -11.67 -15.92 -15.83
N ARG A 51 -12.13 -14.75 -15.37
CA ARG A 51 -12.18 -13.55 -16.18
C ARG A 51 -11.75 -12.38 -15.30
N ARG A 52 -11.06 -11.41 -15.89
CA ARG A 52 -10.63 -10.24 -15.16
C ARG A 52 -11.89 -9.42 -14.87
N VAL A 53 -11.96 -8.85 -13.68
CA VAL A 53 -13.11 -8.03 -13.29
C VAL A 53 -12.94 -6.60 -13.80
N GLY A 63 -10.61 -16.98 -19.60
CA GLY A 63 -9.49 -17.87 -19.86
C GLY A 63 -9.13 -18.70 -18.64
N PHE A 64 -7.98 -19.36 -18.69
CA PHE A 64 -7.57 -20.18 -17.55
C PHE A 64 -6.38 -19.58 -16.81
N ILE A 65 -6.32 -19.81 -15.52
CA ILE A 65 -5.22 -19.31 -14.70
C ILE A 65 -4.70 -20.51 -13.90
N PRO A 66 -3.41 -20.52 -13.57
CA PRO A 66 -2.85 -21.63 -12.80
C PRO A 66 -3.42 -21.61 -11.39
N SER A 67 -3.68 -22.80 -10.83
CA SER A 67 -4.21 -22.88 -9.48
C SER A 67 -3.10 -22.51 -8.50
N LYS A 68 -3.49 -22.28 -7.25
CA LYS A 68 -2.52 -21.96 -6.20
C LYS A 68 -1.50 -23.08 -6.11
N ARG A 69 -1.98 -24.31 -6.13
CA ARG A 69 -1.11 -25.48 -6.07
C ARG A 69 -0.11 -25.46 -7.22
N ARG A 70 -0.58 -25.15 -8.42
CA ARG A 70 0.30 -25.13 -9.57
C ARG A 70 1.34 -24.03 -9.49
N VAL A 71 0.92 -22.83 -9.08
CA VAL A 71 1.86 -21.73 -8.95
C VAL A 71 2.94 -22.07 -7.93
N GLU A 72 2.53 -22.65 -6.81
CA GLU A 72 3.50 -23.01 -5.78
C GLU A 72 4.49 -24.07 -6.27
N ARG A 73 3.98 -25.12 -6.91
CA ARG A 73 4.85 -26.17 -7.40
C ARG A 73 5.91 -25.62 -8.35
N ARG A 74 5.50 -24.79 -9.31
CA ARG A 74 6.44 -24.21 -10.27
C ARG A 74 7.47 -23.32 -9.59
N GLU A 75 7.01 -22.49 -8.66
CA GLU A 75 7.92 -21.60 -7.95
C GLU A 75 8.95 -22.42 -7.14
N TRP A 76 8.49 -23.48 -6.48
CA TRP A 76 9.40 -24.30 -5.70
C TRP A 76 10.45 -24.96 -6.59
N SER A 77 10.03 -25.50 -7.72
CA SER A 77 10.96 -26.16 -8.63
C SER A 77 11.85 -25.13 -9.33
N ARG A 78 11.35 -23.91 -9.48
CA ARG A 78 12.10 -22.86 -10.12
C ARG A 78 13.28 -22.50 -9.22
N LEU A 79 12.98 -22.30 -7.94
CA LEU A 79 14.01 -21.97 -6.96
C LEU A 79 14.82 -23.20 -6.60
N VAL A 97 5.50 -18.49 -0.97
CA VAL A 97 5.15 -18.25 -2.36
C VAL A 97 3.83 -17.49 -2.49
N LEU A 98 3.86 -16.37 -3.21
CA LEU A 98 2.64 -15.61 -3.40
C LEU A 98 1.94 -16.04 -4.67
N SER A 99 0.63 -16.25 -4.57
CA SER A 99 -0.14 -16.66 -5.73
C SER A 99 -1.38 -15.77 -5.79
N TYR A 100 -2.40 -16.13 -5.04
CA TYR A 100 -3.64 -15.36 -5.00
C TYR A 100 -4.17 -15.27 -3.57
N GLU A 101 -5.14 -14.38 -3.36
CA GLU A 101 -5.79 -14.26 -2.08
C GLU A 101 -7.25 -14.01 -2.41
N THR A 102 -8.15 -14.63 -1.66
CA THR A 102 -9.57 -14.46 -1.91
C THR A 102 -9.97 -13.05 -1.50
N VAL A 103 -10.90 -12.45 -2.23
CA VAL A 103 -11.35 -11.10 -1.89
C VAL A 103 -12.85 -10.99 -2.06
N THR A 104 -13.45 -10.08 -1.31
CA THR A 104 -14.88 -9.86 -1.41
C THR A 104 -15.11 -8.36 -1.51
N GLN A 105 -16.21 -7.97 -2.12
CA GLN A 105 -16.51 -6.56 -2.29
C GLN A 105 -17.37 -6.03 -1.14
N MET A 106 -16.99 -4.89 -0.58
CA MET A 106 -17.77 -4.29 0.50
C MET A 106 -17.96 -2.80 0.25
N GLU A 107 -18.91 -2.20 0.95
CA GLU A 107 -19.17 -0.78 0.79
C GLU A 107 -18.54 -0.04 1.96
N VAL A 108 -17.81 1.03 1.66
CA VAL A 108 -17.17 1.83 2.70
C VAL A 108 -17.71 3.24 2.57
N HIS A 109 -17.82 3.94 3.70
CA HIS A 109 -18.35 5.29 3.68
C HIS A 109 -17.28 6.34 3.96
N TYR A 110 -16.04 5.89 4.05
CA TYR A 110 -14.92 6.78 4.30
C TYR A 110 -13.99 6.79 3.10
N ALA A 111 -13.13 7.81 3.04
CA ALA A 111 -12.17 7.91 1.95
C ALA A 111 -10.97 7.09 2.42
N ARG A 112 -10.47 6.24 1.53
CA ARG A 112 -9.35 5.38 1.88
C ARG A 112 -8.03 6.11 2.10
N PRO A 113 -7.34 5.78 3.20
CA PRO A 113 -6.05 6.41 3.48
C PRO A 113 -5.14 5.94 2.36
N ILE A 114 -4.03 6.64 2.17
CA ILE A 114 -3.07 6.34 1.11
C ILE A 114 -1.68 6.12 1.68
N ILE A 115 -0.99 5.10 1.19
CA ILE A 115 0.37 4.84 1.61
C ILE A 115 1.23 4.61 0.38
N ILE A 116 1.99 5.61 -0.04
CA ILE A 116 2.85 5.45 -1.20
C ILE A 116 4.21 4.99 -0.70
N LEU A 117 4.73 3.93 -1.30
CA LEU A 117 6.02 3.38 -0.88
C LEU A 117 6.99 3.26 -2.05
N GLY A 118 8.28 3.21 -1.74
CA GLY A 118 9.28 3.09 -2.78
C GLY A 118 9.93 4.42 -3.15
N PRO A 119 10.85 4.41 -4.12
CA PRO A 119 11.57 5.59 -4.60
C PRO A 119 10.62 6.68 -5.10
N THR A 120 10.93 7.92 -4.73
CA THR A 120 10.16 9.12 -5.10
C THR A 120 8.83 9.28 -4.37
N LYS A 121 8.56 8.42 -3.39
CA LYS A 121 7.30 8.50 -2.66
C LYS A 121 7.07 9.87 -1.99
N ASP A 122 8.12 10.50 -1.49
CA ASP A 122 7.95 11.79 -0.84
C ASP A 122 7.49 12.84 -1.85
N ARG A 123 8.10 12.84 -3.03
CA ARG A 123 7.67 13.81 -4.04
C ARG A 123 6.22 13.51 -4.42
N ALA A 124 5.88 12.24 -4.59
CA ALA A 124 4.51 11.88 -4.94
C ALA A 124 3.54 12.35 -3.83
N ASN A 125 3.90 12.13 -2.57
CA ASN A 125 3.03 12.56 -1.48
C ASN A 125 2.89 14.08 -1.51
N ASP A 126 4.01 14.79 -1.66
CA ASP A 126 4.00 16.25 -1.69
C ASP A 126 3.15 16.78 -2.83
N ASP A 127 3.33 16.22 -4.03
CA ASP A 127 2.57 16.67 -5.19
C ASP A 127 1.07 16.37 -5.11
N LEU A 128 0.67 15.21 -4.58
CA LEU A 128 -0.75 14.91 -4.44
C LEU A 128 -1.39 15.92 -3.47
N LEU A 129 -0.71 16.18 -2.34
CA LEU A 129 -1.22 17.13 -1.36
C LEU A 129 -1.37 18.52 -1.97
N SER A 130 -0.40 18.90 -2.79
CA SER A 130 -0.43 20.19 -3.45
C SER A 130 -1.46 20.27 -4.58
N GLU A 131 -1.61 19.19 -5.36
CA GLU A 131 -2.54 19.21 -6.48
C GLU A 131 -4.01 19.14 -6.14
N PHE A 132 -4.37 18.39 -5.10
CA PHE A 132 -5.79 18.27 -4.74
C PHE A 132 -6.04 18.58 -3.27
N PRO A 133 -5.90 19.85 -2.89
CA PRO A 133 -6.11 20.32 -1.51
C PRO A 133 -7.44 19.89 -0.91
N ASP A 134 -8.44 19.74 -1.75
CA ASP A 134 -9.76 19.33 -1.26
C ASP A 134 -9.97 17.84 -1.14
N LYS A 135 -9.11 17.05 -1.80
CA LYS A 135 -9.25 15.60 -1.77
C LYS A 135 -8.23 14.86 -0.90
N PHE A 136 -7.06 15.45 -0.69
CA PHE A 136 -6.02 14.82 0.11
C PHE A 136 -5.60 15.67 1.30
N GLY A 137 -5.25 14.99 2.39
CA GLY A 137 -4.81 15.67 3.59
C GLY A 137 -3.89 14.78 4.40
N SER A 138 -3.30 15.34 5.44
CA SER A 138 -2.41 14.59 6.32
C SER A 138 -3.12 14.49 7.67
N CYS A 139 -2.75 13.53 8.50
CA CYS A 139 -3.40 13.45 9.80
C CYS A 139 -2.47 14.11 10.81
N VAL A 140 -3.00 14.43 11.99
CA VAL A 140 -2.19 15.06 13.02
C VAL A 140 -1.56 13.95 13.87
N PRO A 141 -0.22 13.86 13.87
CA PRO A 141 0.48 12.83 14.64
C PRO A 141 0.56 13.23 16.11
N HIS A 142 0.87 12.23 16.95
CA HIS A 142 1.04 12.47 18.38
C HIS A 142 2.53 12.51 18.64
N THR A 143 2.93 13.21 19.69
CA THR A 143 4.34 13.25 20.06
C THR A 143 4.49 13.60 21.54
N THR A 144 5.58 13.11 22.13
CA THR A 144 5.86 13.36 23.53
C THR A 144 6.85 14.51 23.68
N ARG A 145 7.44 14.96 22.57
CA ARG A 145 8.41 16.05 22.69
C ARG A 145 7.68 17.33 23.07
N PRO A 146 8.40 18.22 23.75
CA PRO A 146 7.84 19.48 24.20
C PRO A 146 7.41 20.33 23.02
N LYS A 147 6.27 21.00 23.15
CA LYS A 147 5.78 21.87 22.08
C LYS A 147 6.60 23.15 22.05
N ARG A 148 7.02 23.54 20.86
CA ARG A 148 7.78 24.77 20.71
C ARG A 148 6.78 25.91 20.94
N GLU A 149 7.29 27.10 21.24
CA GLU A 149 6.42 28.25 21.51
C GLU A 149 5.49 28.60 20.34
N TYR A 150 5.98 28.44 19.11
CA TYR A 150 5.18 28.79 17.94
C TYR A 150 4.19 27.72 17.48
N GLU A 151 4.31 26.50 18.01
CA GLU A 151 3.45 25.41 17.59
C GLU A 151 2.08 25.42 18.27
N ILE A 152 1.12 24.79 17.64
CA ILE A 152 -0.24 24.73 18.17
C ILE A 152 -0.67 23.29 18.38
N ASP A 153 -1.19 23.01 19.57
CA ASP A 153 -1.64 21.67 19.89
C ASP A 153 -2.92 21.33 19.11
N GLY A 154 -2.94 20.15 18.50
CA GLY A 154 -4.09 19.74 17.71
C GLY A 154 -3.93 20.13 16.25
N ARG A 155 -2.88 20.91 15.99
CA ARG A 155 -2.58 21.38 14.65
C ARG A 155 -1.27 20.77 14.17
N ASP A 156 -0.18 21.09 14.85
CA ASP A 156 1.12 20.55 14.48
C ASP A 156 1.20 19.09 14.92
N TYR A 157 0.92 18.86 16.19
CA TYR A 157 0.92 17.53 16.77
C TYR A 157 -0.07 17.53 17.91
N HIS A 158 -0.41 16.35 18.38
CA HIS A 158 -1.25 16.20 19.54
C HIS A 158 -0.12 15.99 20.55
N PHE A 159 0.21 17.03 21.32
CA PHE A 159 1.28 16.92 22.28
C PHE A 159 0.89 16.17 23.55
N VAL A 160 1.50 15.01 23.76
CA VAL A 160 1.20 14.19 24.92
C VAL A 160 1.95 14.64 26.18
N SER A 161 1.20 14.76 27.27
CA SER A 161 1.73 15.20 28.56
C SER A 161 2.91 14.37 29.02
N SER A 162 2.70 13.07 29.20
CA SER A 162 3.76 12.17 29.66
C SER A 162 4.06 11.05 28.68
N ARG A 163 5.33 10.71 28.57
CA ARG A 163 5.76 9.64 27.68
C ARG A 163 5.13 8.31 28.13
N GLU A 164 4.88 8.19 29.42
CA GLU A 164 4.27 6.98 29.98
C GLU A 164 2.87 6.78 29.39
N LYS A 165 2.13 7.87 29.24
CA LYS A 165 0.79 7.81 28.68
C LYS A 165 0.87 7.35 27.21
N MET A 166 1.84 7.91 26.49
CA MET A 166 2.04 7.57 25.08
C MET A 166 2.28 6.07 24.94
N GLU A 167 3.22 5.55 25.72
CA GLU A 167 3.56 4.13 25.71
C GLU A 167 2.35 3.27 26.02
N LYS A 168 1.53 3.71 26.97
CA LYS A 168 0.34 2.98 27.35
C LYS A 168 -0.64 2.88 26.19
N ASP A 169 -0.88 4.00 25.53
CA ASP A 169 -1.79 4.03 24.38
C ASP A 169 -1.26 3.14 23.26
N ILE A 170 0.06 3.17 23.07
CA ILE A 170 0.68 2.36 22.03
C ILE A 170 0.46 0.88 22.35
N GLN A 171 0.66 0.51 23.62
CA GLN A 171 0.48 -0.87 24.04
C GLN A 171 -1.00 -1.25 23.92
N ALA A 172 -1.87 -0.26 24.03
CA ALA A 172 -3.31 -0.49 23.93
C ALA A 172 -3.77 -0.52 22.48
N HIS A 173 -2.81 -0.59 21.55
CA HIS A 173 -3.11 -0.63 20.13
C HIS A 173 -3.90 0.60 19.67
N LYS A 174 -3.49 1.77 20.12
CA LYS A 174 -4.17 3.01 19.73
C LYS A 174 -3.52 3.64 18.51
N PHE A 175 -2.37 3.12 18.11
CA PHE A 175 -1.66 3.66 16.95
C PHE A 175 -1.49 2.69 15.79
N ILE A 176 -1.58 3.24 14.58
CA ILE A 176 -1.38 2.45 13.38
C ILE A 176 0.13 2.21 13.32
N GLU A 177 0.89 3.24 13.67
CA GLU A 177 2.35 3.14 13.69
C GLU A 177 2.96 4.21 14.57
N ALA A 178 4.12 3.90 15.16
CA ALA A 178 4.80 4.84 16.04
C ALA A 178 6.29 4.57 16.01
N GLY A 179 7.05 5.51 16.54
CA GLY A 179 8.49 5.36 16.58
C GLY A 179 9.15 6.37 17.49
N GLN A 180 10.46 6.30 17.58
CA GLN A 180 11.21 7.22 18.42
C GLN A 180 12.23 7.99 17.60
N TYR A 181 12.25 9.30 17.79
CA TYR A 181 13.19 10.16 17.09
C TYR A 181 13.86 11.03 18.12
N ASN A 182 15.19 11.08 18.07
CA ASN A 182 15.96 11.84 19.03
C ASN A 182 15.82 11.10 20.36
N SER A 183 14.81 11.47 21.13
CA SER A 183 14.58 10.80 22.42
C SER A 183 13.11 10.86 22.77
N HIS A 184 12.29 11.24 21.79
CA HIS A 184 10.85 11.35 22.02
C HIS A 184 10.06 10.46 21.08
N LEU A 185 8.82 10.19 21.45
CA LEU A 185 7.96 9.33 20.67
C LEU A 185 7.06 10.12 19.71
N TYR A 186 6.79 9.50 18.57
CA TYR A 186 5.93 10.07 17.55
C TYR A 186 5.05 8.94 17.04
N GLY A 187 3.79 9.25 16.77
CA GLY A 187 2.91 8.19 16.28
C GLY A 187 1.72 8.66 15.49
N THR A 188 1.24 7.80 14.62
CA THR A 188 0.08 8.08 13.81
C THR A 188 -1.04 7.24 14.42
N SER A 189 -1.96 7.93 15.11
CA SER A 189 -3.07 7.27 15.80
C SER A 189 -4.17 6.86 14.84
N VAL A 190 -4.88 5.80 15.21
CA VAL A 190 -6.00 5.29 14.42
C VAL A 190 -7.06 6.37 14.33
N GLN A 191 -7.33 7.01 15.46
CA GLN A 191 -8.34 8.06 15.52
C GLN A 191 -8.01 9.25 14.62
N SER A 192 -6.75 9.65 14.59
CA SER A 192 -6.35 10.78 13.74
C SER A 192 -6.62 10.48 12.26
N VAL A 193 -6.36 9.23 11.85
CA VAL A 193 -6.59 8.82 10.46
C VAL A 193 -8.08 8.75 10.20
N ARG A 194 -8.81 8.15 11.14
CA ARG A 194 -10.25 8.00 11.00
C ARG A 194 -10.90 9.36 10.78
N GLU A 195 -10.47 10.36 11.55
CA GLU A 195 -11.03 11.71 11.44
C GLU A 195 -10.90 12.25 10.02
N VAL A 196 -9.76 12.01 9.39
CA VAL A 196 -9.56 12.48 8.02
C VAL A 196 -10.41 11.65 7.07
N ALA A 197 -10.31 10.33 7.19
CA ALA A 197 -11.06 9.42 6.30
C ALA A 197 -12.56 9.61 6.38
N GLU A 198 -13.09 9.71 7.60
CA GLU A 198 -14.52 9.90 7.79
C GLU A 198 -14.99 11.25 7.22
N GLN A 199 -14.05 12.19 7.11
CA GLN A 199 -14.36 13.51 6.58
C GLN A 199 -14.50 13.46 5.06
N GLY A 200 -14.12 12.34 4.46
CA GLY A 200 -14.23 12.22 3.02
C GLY A 200 -12.95 12.50 2.27
N LYS A 201 -11.84 12.67 2.98
CA LYS A 201 -10.61 12.92 2.27
C LYS A 201 -9.55 11.86 2.48
N HIS A 202 -8.81 11.59 1.40
CA HIS A 202 -7.73 10.61 1.41
C HIS A 202 -6.61 11.10 2.32
N CYS A 203 -6.31 10.31 3.34
CA CYS A 203 -5.24 10.67 4.27
C CYS A 203 -3.93 10.13 3.74
N ILE A 204 -3.03 11.04 3.36
CA ILE A 204 -1.72 10.69 2.85
C ILE A 204 -0.86 10.31 4.03
N LEU A 205 -0.51 9.02 4.13
CA LEU A 205 0.28 8.55 5.24
C LEU A 205 1.76 8.36 4.93
N ASP A 206 2.59 8.77 5.87
CA ASP A 206 4.02 8.62 5.71
C ASP A 206 4.42 7.61 6.77
N VAL A 207 4.04 6.36 6.51
CA VAL A 207 4.33 5.25 7.41
C VAL A 207 4.82 4.06 6.58
N SER A 208 5.39 3.08 7.27
CA SER A 208 5.92 1.87 6.60
C SER A 208 4.79 0.95 6.17
N ALA A 209 5.14 -0.08 5.40
CA ALA A 209 4.15 -1.04 4.92
C ALA A 209 3.51 -1.83 6.06
N ASN A 210 4.16 -1.81 7.23
CA ASN A 210 3.63 -2.52 8.41
C ASN A 210 2.25 -2.00 8.79
N ALA A 211 1.99 -0.73 8.47
CA ALA A 211 0.72 -0.12 8.82
C ALA A 211 -0.48 -0.68 8.07
N VAL A 212 -0.27 -1.28 6.90
CA VAL A 212 -1.40 -1.79 6.14
C VAL A 212 -2.30 -2.74 6.93
N ARG A 213 -1.72 -3.74 7.58
CA ARG A 213 -2.53 -4.68 8.34
C ARG A 213 -3.25 -3.99 9.51
N ARG A 214 -2.57 -3.04 10.15
CA ARG A 214 -3.17 -2.32 11.27
C ARG A 214 -4.36 -1.48 10.82
N LEU A 215 -4.25 -0.86 9.64
CA LEU A 215 -5.34 -0.06 9.10
C LEU A 215 -6.50 -0.98 8.70
N GLN A 216 -6.18 -2.12 8.10
CA GLN A 216 -7.22 -3.05 7.68
C GLN A 216 -8.03 -3.51 8.89
N ALA A 217 -7.33 -3.88 9.97
CA ALA A 217 -7.99 -4.34 11.18
C ALA A 217 -8.86 -3.24 11.80
N ALA A 218 -8.46 -1.98 11.61
CA ALA A 218 -9.22 -0.85 12.14
C ALA A 218 -10.35 -0.43 11.20
N HIS A 219 -10.54 -1.18 10.12
CA HIS A 219 -11.59 -0.88 9.16
C HIS A 219 -11.33 0.43 8.42
N LEU A 220 -10.05 0.71 8.16
CA LEU A 220 -9.66 1.89 7.41
C LEU A 220 -8.76 1.36 6.29
N HIS A 221 -9.35 0.55 5.41
CA HIS A 221 -8.64 -0.08 4.31
C HIS A 221 -7.88 0.94 3.46
N PRO A 222 -6.55 0.90 3.50
CA PRO A 222 -5.74 1.83 2.74
C PRO A 222 -5.47 1.41 1.31
N ILE A 223 -4.97 2.36 0.53
CA ILE A 223 -4.58 2.11 -0.86
C ILE A 223 -3.07 2.22 -0.75
N ALA A 224 -2.40 1.06 -0.73
CA ALA A 224 -0.95 1.00 -0.61
C ALA A 224 -0.33 0.82 -1.99
N ILE A 225 0.44 1.82 -2.42
CA ILE A 225 1.05 1.79 -3.73
C ILE A 225 2.57 1.74 -3.67
N PHE A 226 3.13 0.69 -4.26
CA PHE A 226 4.56 0.52 -4.28
C PHE A 226 5.13 0.95 -5.60
N ILE A 227 6.05 1.91 -5.55
CA ILE A 227 6.70 2.38 -6.76
C ILE A 227 7.93 1.48 -6.91
N ARG A 228 7.86 0.57 -7.87
CA ARG A 228 8.94 -0.38 -8.09
C ARG A 228 9.95 0.05 -9.12
N PRO A 229 11.22 0.24 -8.71
CA PRO A 229 12.29 0.65 -9.61
C PRO A 229 12.59 -0.57 -10.47
N ARG A 230 12.78 -0.38 -11.77
CA ARG A 230 13.05 -1.51 -12.65
C ARG A 230 14.50 -1.97 -12.62
N SER A 231 15.35 -1.07 -12.14
CA SER A 231 16.78 -1.32 -12.07
C SER A 231 17.42 -0.11 -11.42
N LEU A 232 18.73 -0.17 -11.21
CA LEU A 232 19.45 0.95 -10.62
C LEU A 232 19.35 2.12 -11.61
N GLU A 233 19.49 1.80 -12.89
CA GLU A 233 19.42 2.81 -13.95
C GLU A 233 18.07 3.52 -13.92
N ASN A 234 17.02 2.76 -13.66
CA ASN A 234 15.67 3.33 -13.60
C ASN A 234 15.55 4.33 -12.45
N VAL A 235 16.16 4.01 -11.31
CA VAL A 235 16.11 4.93 -10.18
C VAL A 235 16.72 6.26 -10.59
N LEU A 236 17.85 6.18 -11.30
CA LEU A 236 18.55 7.38 -11.76
C LEU A 236 17.70 8.19 -12.73
N GLU A 237 16.75 7.54 -13.40
CA GLU A 237 15.88 8.21 -14.35
C GLU A 237 14.68 8.89 -13.69
N ILE A 238 14.12 8.26 -12.66
CA ILE A 238 12.96 8.83 -11.99
C ILE A 238 13.28 9.90 -10.96
N ASN A 239 14.57 10.03 -10.65
CA ASN A 239 15.05 11.07 -9.75
C ASN A 239 16.43 11.47 -10.27
N LYS A 240 16.49 12.59 -10.98
CA LYS A 240 17.74 13.05 -11.57
C LYS A 240 18.64 13.82 -10.61
N ARG A 241 18.17 13.98 -9.38
CA ARG A 241 18.90 14.74 -8.35
C ARG A 241 19.93 13.90 -7.58
N ILE A 242 19.49 12.78 -7.04
CA ILE A 242 20.34 11.91 -6.22
C ILE A 242 21.58 11.33 -6.91
N THR A 243 22.59 11.04 -6.09
CA THR A 243 23.85 10.49 -6.59
C THR A 243 23.70 9.02 -6.92
N GLU A 244 24.67 8.47 -7.63
CA GLU A 244 24.64 7.05 -8.00
C GLU A 244 24.61 6.19 -6.73
N GLU A 245 25.31 6.66 -5.69
CA GLU A 245 25.36 5.94 -4.43
C GLU A 245 24.02 5.93 -3.69
N GLN A 246 23.33 7.07 -3.68
CA GLN A 246 22.03 7.13 -3.01
C GLN A 246 21.04 6.27 -3.79
N ALA A 247 21.22 6.22 -5.10
CA ALA A 247 20.36 5.43 -5.98
C ALA A 247 20.50 3.95 -5.65
N ARG A 248 21.74 3.50 -5.44
CA ARG A 248 22.01 2.10 -5.11
C ARG A 248 21.34 1.75 -3.78
N LYS A 249 21.44 2.65 -2.81
CA LYS A 249 20.82 2.43 -1.52
C LYS A 249 19.29 2.41 -1.66
N ALA A 250 18.76 3.28 -2.51
CA ALA A 250 17.30 3.31 -2.69
C ALA A 250 16.83 2.03 -3.38
N PHE A 251 17.60 1.56 -4.35
CA PHE A 251 17.24 0.34 -5.06
C PHE A 251 17.25 -0.86 -4.11
N ASP A 252 18.22 -0.89 -3.20
CA ASP A 252 18.36 -1.98 -2.23
C ASP A 252 17.17 -1.99 -1.28
N ARG A 253 16.77 -0.82 -0.80
CA ARG A 253 15.62 -0.72 0.10
C ARG A 253 14.37 -1.21 -0.60
N ALA A 254 14.19 -0.78 -1.86
CA ALA A 254 13.03 -1.16 -2.64
C ALA A 254 12.97 -2.68 -2.81
N THR A 255 14.11 -3.28 -3.12
CA THR A 255 14.18 -4.74 -3.28
C THR A 255 13.71 -5.43 -1.99
N LYS A 256 14.22 -4.95 -0.86
CA LYS A 256 13.85 -5.54 0.43
C LYS A 256 12.39 -5.29 0.76
N LEU A 257 11.90 -4.11 0.38
CA LEU A 257 10.51 -3.78 0.65
C LEU A 257 9.59 -4.72 -0.13
N GLU A 258 9.92 -4.95 -1.40
CA GLU A 258 9.09 -5.82 -2.22
C GLU A 258 9.14 -7.25 -1.71
N GLN A 259 10.33 -7.71 -1.33
CA GLN A 259 10.49 -9.07 -0.83
C GLN A 259 9.62 -9.32 0.39
N GLU A 260 9.57 -8.34 1.28
CA GLU A 260 8.80 -8.49 2.52
C GLU A 260 7.32 -8.13 2.53
N PHE A 261 6.92 -7.11 1.79
CA PHE A 261 5.51 -6.70 1.82
C PHE A 261 4.65 -6.76 0.57
N THR A 262 5.08 -7.47 -0.46
CA THR A 262 4.29 -7.53 -1.68
C THR A 262 2.81 -7.82 -1.43
N GLU A 263 2.51 -8.74 -0.52
CA GLU A 263 1.12 -9.10 -0.24
C GLU A 263 0.27 -7.96 0.28
N CYS A 264 0.90 -6.95 0.87
CA CYS A 264 0.18 -5.81 1.43
C CYS A 264 -0.09 -4.69 0.41
N PHE A 265 0.61 -4.70 -0.72
CA PHE A 265 0.42 -3.65 -1.73
C PHE A 265 -0.94 -3.78 -2.43
N SER A 266 -1.55 -2.63 -2.73
CA SER A 266 -2.82 -2.62 -3.45
C SER A 266 -2.45 -2.63 -4.92
N ALA A 267 -1.29 -2.06 -5.22
CA ALA A 267 -0.82 -2.00 -6.59
C ALA A 267 0.67 -1.70 -6.64
N ILE A 268 1.28 -2.00 -7.79
CA ILE A 268 2.69 -1.77 -8.01
C ILE A 268 2.74 -0.97 -9.31
N VAL A 269 3.45 0.15 -9.29
CA VAL A 269 3.55 0.99 -10.47
C VAL A 269 5.01 1.14 -10.88
N GLU A 270 5.25 1.29 -12.18
CA GLU A 270 6.58 1.48 -12.72
C GLU A 270 6.51 2.56 -13.78
N GLY A 271 7.65 3.16 -14.12
CA GLY A 271 7.68 4.18 -15.14
C GLY A 271 9.07 4.57 -15.57
N ASP A 272 9.18 5.20 -16.73
CA ASP A 272 10.46 5.64 -17.27
C ASP A 272 10.81 6.99 -16.67
N SER A 273 9.83 7.62 -16.02
CA SER A 273 10.06 8.94 -15.44
C SER A 273 9.12 9.15 -14.26
N PHE A 274 9.43 10.14 -13.42
CA PHE A 274 8.57 10.43 -12.29
C PHE A 274 7.18 10.82 -12.79
N GLU A 275 7.15 11.63 -13.85
CA GLU A 275 5.88 12.09 -14.43
C GLU A 275 4.97 10.89 -14.71
N GLU A 276 5.54 9.83 -15.28
CA GLU A 276 4.78 8.63 -15.60
C GLU A 276 4.33 7.96 -14.31
N ILE A 277 5.23 7.90 -13.34
CA ILE A 277 4.93 7.29 -12.05
C ILE A 277 3.77 8.05 -11.40
N TYR A 278 3.89 9.37 -11.40
CA TYR A 278 2.87 10.21 -10.78
C TYR A 278 1.50 10.00 -11.41
N HIS A 279 1.48 9.98 -12.74
CA HIS A 279 0.25 9.74 -13.48
C HIS A 279 -0.39 8.42 -13.04
N LYS A 280 0.44 7.38 -12.96
CA LYS A 280 -0.06 6.05 -12.58
C LYS A 280 -0.54 5.96 -11.14
N VAL A 281 0.14 6.65 -10.24
CA VAL A 281 -0.27 6.67 -8.85
C VAL A 281 -1.70 7.21 -8.81
N LYS A 282 -1.94 8.32 -9.49
CA LYS A 282 -3.27 8.92 -9.51
C LYS A 282 -4.31 7.98 -10.13
N ARG A 283 -3.94 7.28 -11.19
CA ARG A 283 -4.87 6.35 -11.83
C ARG A 283 -5.28 5.25 -10.85
N VAL A 284 -4.32 4.74 -10.09
CA VAL A 284 -4.59 3.70 -9.10
C VAL A 284 -5.55 4.20 -8.02
N ILE A 285 -5.24 5.35 -7.45
CA ILE A 285 -6.11 5.89 -6.41
C ILE A 285 -7.52 6.03 -6.95
N GLU A 286 -7.67 6.58 -8.15
CA GLU A 286 -9.00 6.73 -8.72
C GLU A 286 -9.68 5.38 -8.85
N ASP A 287 -8.97 4.41 -9.43
CA ASP A 287 -9.54 3.07 -9.60
C ASP A 287 -9.91 2.33 -8.32
N LEU A 288 -9.14 2.53 -7.26
CA LEU A 288 -9.41 1.84 -6.00
C LEU A 288 -10.22 2.64 -4.97
N SER A 289 -10.68 3.82 -5.36
CA SER A 289 -11.50 4.65 -4.48
C SER A 289 -12.96 4.20 -4.60
N GLY A 290 -13.88 5.16 -4.60
CA GLY A 290 -15.28 4.81 -4.73
C GLY A 290 -15.83 4.04 -3.54
N PRO A 291 -17.17 3.93 -3.42
CA PRO A 291 -17.87 3.24 -2.35
C PRO A 291 -17.62 1.73 -2.23
N TYR A 292 -17.46 1.06 -3.37
CA TYR A 292 -17.24 -0.38 -3.35
C TYR A 292 -15.79 -0.75 -3.60
N ILE A 293 -15.20 -1.46 -2.64
CA ILE A 293 -13.81 -1.87 -2.74
C ILE A 293 -13.65 -3.36 -2.45
N TRP A 294 -12.56 -3.93 -2.96
CA TRP A 294 -12.28 -5.34 -2.73
C TRP A 294 -11.36 -5.46 -1.53
N VAL A 295 -11.79 -6.27 -0.56
CA VAL A 295 -11.01 -6.49 0.64
C VAL A 295 -10.82 -7.99 0.84
N PRO A 296 -9.87 -8.39 1.70
CA PRO A 296 -9.65 -9.82 1.93
C PRO A 296 -10.93 -10.51 2.36
N ALA A 297 -11.18 -11.70 1.82
CA ALA A 297 -12.36 -12.47 2.16
C ALA A 297 -11.98 -13.54 3.17
N ARG A 298 -12.99 -14.18 3.77
CA ARG A 298 -12.77 -15.22 4.77
C ARG A 298 -12.49 -16.59 4.13
N GLU A 299 -13.06 -16.82 2.95
CA GLU A 299 -12.86 -18.09 2.25
C GLU A 299 -11.37 -18.23 1.92
N ARG A 300 -10.86 -19.46 1.93
CA ARG A 300 -9.46 -19.67 1.65
C ARG A 300 -9.21 -20.66 0.53
N LEU A 301 -8.24 -20.36 -0.32
CA LEU A 301 -7.85 -21.21 -1.43
C LEU A 301 -7.23 -22.51 -0.93
P 5GP B . 9.75 17.34 14.49
O1P 5GP B . 10.10 16.85 15.84
O2P 5GP B . 8.30 17.72 14.34
O3P 5GP B . 10.68 18.53 14.06
O5' 5GP B . 10.05 16.24 13.37
C5' 5GP B . 11.30 15.53 13.36
C4' 5GP B . 11.43 14.54 12.22
O4' 5GP B . 10.45 13.46 12.48
C3' 5GP B . 11.11 15.00 10.82
O3' 5GP B . 12.21 15.62 10.16
C2' 5GP B . 10.69 13.74 10.10
O2' 5GP B . 11.81 13.03 9.51
C1' 5GP B . 10.01 12.95 11.20
N9 5GP B . 8.51 12.94 11.19
C8 5GP B . 7.59 13.70 11.87
N7 5GP B . 6.33 13.42 11.63
C5 5GP B . 6.44 12.37 10.69
C6 5GP B . 5.39 11.62 10.04
O6 5GP B . 4.18 11.76 10.18
N1 5GP B . 5.91 10.62 9.16
C2 5GP B . 7.28 10.39 8.96
N2 5GP B . 7.56 9.40 8.08
N3 5GP B . 8.27 11.10 9.56
C4 5GP B . 7.77 12.06 10.42
C GAI C . 10.60 19.93 10.37
N1 GAI C . 11.05 19.04 11.26
N2 GAI C . 11.20 20.08 9.19
N3 GAI C . 9.54 20.69 10.67
C GAI D . 3.18 26.28 13.03
N1 GAI D . 3.91 25.21 12.74
N2 GAI D . 3.60 27.50 12.68
N3 GAI D . 2.00 26.14 13.65
C1 MPD E . 5.65 7.87 13.98
C2 MPD E . 4.86 8.23 12.75
O2 MPD E . 3.75 7.31 12.70
CM MPD E . 4.36 9.62 12.83
C3 MPD E . 5.67 8.04 11.45
C4 MPD E . 6.25 6.63 11.23
O4 MPD E . 5.21 5.68 11.14
C5 MPD E . 7.04 6.56 9.94
C1 MPD F . -2.50 19.28 10.67
C2 MPD F . -2.06 18.47 9.46
O2 MPD F . -3.23 17.76 9.04
CM MPD F . -1.57 19.37 8.37
C3 MPD F . -0.98 17.39 9.75
C4 MPD F . 0.45 17.85 10.11
O4 MPD F . 0.45 18.62 11.29
C5 MPD F . 1.37 16.67 10.34
#